data_2Q3N
#
_entry.id   2Q3N
#
_cell.length_a   141.122
_cell.length_b   141.122
_cell.length_c   105.253
_cell.angle_alpha   90.00
_cell.angle_beta   90.00
_cell.angle_gamma   90.00
#
_symmetry.space_group_name_H-M   'P 42 21 2'
#
loop_
_entity.id
_entity.type
_entity.pdbx_description
1 polymer 'Agglutinin-1 A chain'
2 polymer 'Agglutinin-1 B chain'
3 non-polymer 2-acetamido-2-deoxy-beta-D-glucopyranose
#
loop_
_entity_poly.entity_id
_entity_poly.type
_entity_poly.pdbx_seq_one_letter_code
_entity_poly.pdbx_strand_id
1 'polypeptide(L)'
;QDPIKFTTGSATPASYNQFIDALRERLTGGLIYGIPVLRDPSTVEKPNQYVTVELSYSDTVSIQLGIDLTNAYVVAYRAG
SESFFFRNAPASASTYLFTGTQQYSLPFDGNYDDLEKWAHQSRQRISLGLEALRQGIKFLRSGASDDEEIARTLIVIIQM
VAEAARFRYVSKLVVISLSNRAAFQPDPSMLSLENTWEPLSRAVQHTVQDTFPQNVTLINVRQERVVVSSLSHPSVSALA
LMLFVCNPLNATQSPLLIRS
;
A
2 'polypeptide(L)'
;VVEQSKICSSHYEPTVRIGGRDGLCVDVSDNAYNNGNPIILWKCKDQLEVNQLWTLKSDKTIRSKGKCLTTYGYAPGNYV
MIYDCSSAVAEATYWDIWDNGTIINPKSGLVLSAESSSMGGTLTVQKNDYRMRQGWRTGNDTSPFVTSIAGFFKLCMEAH
GNSMWLDVCDITKEEQQWAVYPDGSIRPVQNTNNCLTCEEHKQGATIVMMGCSNAWASQRWVFKSDGTIYNLYDDMVMDV
KSSDPSLKQIILWPYTGNANQMWATLF
;
B
#
loop_
_chem_comp.id
_chem_comp.type
_chem_comp.name
_chem_comp.formula
NAG D-saccharide, beta linking 2-acetamido-2-deoxy-beta-D-glucopyranose 'C8 H15 N O6'
#
# COMPACT_ATOMS: atom_id res chain seq x y z
N ASP A 2 -12.56 -25.40 -3.55
CA ASP A 2 -13.51 -26.00 -4.60
C ASP A 2 -14.65 -25.08 -5.15
N PRO A 3 -15.44 -24.46 -4.26
CA PRO A 3 -16.53 -23.72 -4.84
C PRO A 3 -16.40 -22.18 -4.76
N ILE A 4 -15.18 -21.62 -4.72
CA ILE A 4 -15.10 -20.16 -4.54
C ILE A 4 -15.40 -19.44 -5.83
N LYS A 5 -16.66 -19.07 -6.01
CA LYS A 5 -17.14 -18.69 -7.33
C LYS A 5 -17.81 -17.34 -7.42
N PHE A 6 -17.38 -16.60 -8.43
CA PHE A 6 -17.96 -15.35 -8.82
C PHE A 6 -19.01 -15.62 -9.91
N THR A 7 -20.28 -15.28 -9.63
CA THR A 7 -21.34 -15.33 -10.66
C THR A 7 -21.31 -13.98 -11.36
N THR A 8 -21.09 -13.96 -12.68
CA THR A 8 -20.85 -12.68 -13.39
C THR A 8 -22.13 -12.15 -13.88
N GLY A 9 -23.05 -13.07 -14.16
CA GLY A 9 -24.46 -12.70 -14.17
C GLY A 9 -24.63 -12.02 -12.82
N SER A 10 -25.60 -11.14 -12.67
CA SER A 10 -25.84 -10.45 -11.39
C SER A 10 -24.56 -10.03 -10.64
N ALA A 11 -23.71 -9.25 -11.30
CA ALA A 11 -22.54 -8.68 -10.64
C ALA A 11 -22.84 -7.26 -10.21
N THR A 12 -22.42 -6.91 -9.01
CA THR A 12 -22.52 -5.56 -8.53
C THR A 12 -21.14 -5.21 -7.94
N PRO A 13 -20.84 -3.91 -7.68
CA PRO A 13 -19.59 -3.67 -6.96
C PRO A 13 -19.56 -4.45 -5.62
N ALA A 14 -20.67 -4.40 -4.90
CA ALA A 14 -20.87 -5.17 -3.69
C ALA A 14 -20.52 -6.64 -3.89
N SER A 15 -21.00 -7.22 -4.98
CA SER A 15 -20.94 -8.66 -5.28
C SER A 15 -19.52 -9.08 -5.51
N TYR A 16 -18.86 -8.32 -6.38
CA TYR A 16 -17.51 -8.60 -6.82
C TYR A 16 -16.53 -8.56 -5.66
N ASN A 17 -16.65 -7.57 -4.79
CA ASN A 17 -15.82 -7.50 -3.61
C ASN A 17 -15.90 -8.73 -2.72
N GLN A 18 -17.07 -8.95 -2.15
CA GLN A 18 -17.44 -10.14 -1.40
C GLN A 18 -16.62 -11.34 -1.84
N PHE A 19 -16.50 -11.49 -3.16
CA PHE A 19 -15.68 -12.52 -3.81
C PHE A 19 -14.19 -12.34 -3.54
N ILE A 20 -13.57 -11.36 -4.17
CA ILE A 20 -12.17 -11.11 -3.95
C ILE A 20 -11.80 -11.29 -2.50
N ASP A 21 -12.53 -10.65 -1.59
CA ASP A 21 -12.32 -10.84 -0.15
C ASP A 21 -12.21 -12.32 0.13
N ALA A 22 -13.34 -13.01 -0.01
CA ALA A 22 -13.44 -14.41 0.30
C ALA A 22 -12.29 -15.21 -0.30
N LEU A 23 -11.73 -14.74 -1.41
CA LEU A 23 -10.58 -15.39 -2.00
C LEU A 23 -9.33 -15.08 -1.20
N ARG A 24 -9.05 -13.78 -0.99
CA ARG A 24 -7.87 -13.37 -0.23
C ARG A 24 -7.83 -14.20 1.03
N GLU A 25 -8.98 -14.25 1.68
CA GLU A 25 -9.27 -15.12 2.81
C GLU A 25 -8.64 -16.51 2.74
N ARG A 26 -8.94 -17.23 1.66
CA ARG A 26 -8.46 -18.59 1.42
C ARG A 26 -6.98 -18.62 1.17
N LEU A 27 -6.48 -17.62 0.45
CA LEU A 27 -5.07 -17.50 0.17
C LEU A 27 -4.25 -17.09 1.39
N THR A 28 -4.85 -16.25 2.24
CA THR A 28 -4.24 -15.70 3.47
C THR A 28 -3.69 -16.73 4.43
N GLY A 29 -2.37 -16.90 4.39
CA GLY A 29 -1.66 -17.84 5.27
C GLY A 29 -1.33 -17.30 6.65
N GLY A 30 -0.89 -16.06 6.74
CA GLY A 30 -0.63 -15.44 8.03
C GLY A 30 -0.59 -13.94 7.90
N LEU A 31 -0.33 -13.25 9.00
CA LEU A 31 -0.11 -11.81 8.94
C LEU A 31 1.32 -11.47 9.29
N ILE A 32 1.93 -10.57 8.50
CA ILE A 32 3.24 -10.00 8.81
C ILE A 32 3.08 -8.49 8.87
N TYR A 33 3.42 -7.89 10.01
CA TYR A 33 3.25 -6.45 10.24
C TYR A 33 1.86 -5.96 9.81
N GLY A 34 0.84 -6.73 10.12
CA GLY A 34 -0.52 -6.36 9.78
C GLY A 34 -0.77 -6.32 8.29
N ILE A 35 -0.07 -7.19 7.57
CA ILE A 35 -0.33 -7.48 6.15
C ILE A 35 -0.41 -8.99 5.93
N PRO A 36 -1.48 -9.44 5.27
CA PRO A 36 -1.69 -10.83 4.89
C PRO A 36 -0.59 -11.37 4.02
N VAL A 37 0.16 -12.33 4.55
CA VAL A 37 1.13 -13.06 3.77
C VAL A 37 0.57 -14.42 3.36
N LEU A 38 1.02 -14.92 2.23
CA LEU A 38 0.68 -16.27 1.79
C LEU A 38 1.44 -17.28 2.62
N ARG A 39 1.23 -18.56 2.32
CA ARG A 39 1.84 -19.64 3.09
C ARG A 39 3.26 -19.91 2.63
N ASP A 40 4.07 -20.46 3.53
CA ASP A 40 5.40 -21.00 3.21
C ASP A 40 5.19 -22.22 2.31
N PRO A 41 5.69 -22.18 1.06
CA PRO A 41 5.57 -23.39 0.26
C PRO A 41 6.20 -24.63 0.91
N SER A 42 6.94 -24.45 2.00
CA SER A 42 7.46 -25.58 2.80
C SER A 42 6.58 -25.87 4.02
N THR A 43 5.40 -25.27 4.05
CA THR A 43 4.36 -25.63 5.01
C THR A 43 3.17 -26.36 4.37
N VAL A 44 3.10 -26.33 3.03
CA VAL A 44 1.99 -26.97 2.30
C VAL A 44 2.41 -28.22 1.53
N GLU A 45 1.60 -29.28 1.66
CA GLU A 45 1.85 -30.53 0.93
C GLU A 45 1.24 -30.41 -0.47
N LYS A 46 1.79 -31.17 -1.41
CA LYS A 46 1.40 -31.10 -2.82
C LYS A 46 -0.11 -31.29 -3.04
N PRO A 47 -0.76 -32.30 -2.40
CA PRO A 47 -2.20 -32.49 -2.63
C PRO A 47 -3.07 -31.38 -2.05
N ASN A 48 -2.48 -30.55 -1.23
CA ASN A 48 -3.20 -29.43 -0.64
C ASN A 48 -2.97 -28.10 -1.37
N GLN A 49 -2.12 -28.13 -2.41
CA GLN A 49 -1.52 -26.90 -2.92
C GLN A 49 -2.39 -26.04 -3.82
N TYR A 50 -3.50 -26.57 -4.34
CA TYR A 50 -4.27 -25.81 -5.33
C TYR A 50 -5.69 -25.36 -4.92
N VAL A 51 -6.18 -24.29 -5.55
CA VAL A 51 -7.53 -23.85 -5.27
C VAL A 51 -8.33 -23.70 -6.54
N THR A 52 -9.63 -23.90 -6.41
CA THR A 52 -10.50 -23.76 -7.56
C THR A 52 -11.47 -22.60 -7.45
N VAL A 53 -11.35 -21.69 -8.39
CA VAL A 53 -12.28 -20.58 -8.53
C VAL A 53 -13.21 -20.82 -9.72
N GLU A 54 -14.52 -20.65 -9.53
CA GLU A 54 -15.42 -20.76 -10.65
C GLU A 54 -15.88 -19.40 -11.10
N LEU A 55 -15.73 -19.13 -12.39
CA LEU A 55 -16.29 -17.93 -12.97
C LEU A 55 -17.44 -18.40 -13.82
N SER A 56 -18.66 -17.94 -13.51
CA SER A 56 -19.82 -18.36 -14.30
C SER A 56 -20.28 -17.22 -15.18
N TYR A 57 -20.83 -17.56 -16.34
CA TYR A 57 -21.39 -16.57 -17.25
C TYR A 57 -22.92 -16.62 -17.14
N SER A 58 -23.53 -17.65 -17.74
CA SER A 58 -24.85 -18.15 -17.32
C SER A 58 -24.58 -19.44 -16.52
N ASP A 59 -25.37 -20.51 -16.69
CA ASP A 59 -25.25 -21.60 -15.72
C ASP A 59 -25.81 -23.02 -15.97
N THR A 60 -25.94 -23.53 -17.29
CA THR A 60 -24.84 -23.54 -18.30
C THR A 60 -23.43 -23.26 -17.71
N VAL A 61 -22.81 -22.09 -17.82
CA VAL A 61 -21.85 -21.73 -18.85
C VAL A 61 -20.84 -21.15 -17.85
N SER A 62 -19.76 -21.88 -17.63
CA SER A 62 -18.77 -21.50 -16.62
C SER A 62 -17.48 -22.25 -16.81
N ILE A 63 -16.38 -21.57 -16.51
CA ILE A 63 -15.03 -22.16 -16.46
C ILE A 63 -14.36 -22.02 -15.07
N GLN A 64 -13.62 -23.05 -14.68
CA GLN A 64 -12.88 -23.03 -13.42
C GLN A 64 -11.45 -22.60 -13.66
N LEU A 65 -10.82 -22.10 -12.60
CA LEU A 65 -9.41 -21.77 -12.63
C LEU A 65 -8.70 -22.56 -11.56
N GLY A 66 -7.47 -22.95 -11.87
CA GLY A 66 -6.58 -23.57 -10.90
C GLY A 66 -5.66 -22.52 -10.33
N ILE A 67 -5.79 -22.25 -9.04
CA ILE A 67 -4.95 -21.28 -8.39
C ILE A 67 -3.96 -22.01 -7.52
N ASP A 68 -2.68 -21.75 -7.74
CA ASP A 68 -1.69 -22.27 -6.84
C ASP A 68 -1.95 -21.53 -5.55
N LEU A 69 -1.77 -22.19 -4.41
CA LEU A 69 -1.99 -21.52 -3.14
C LEU A 69 -0.79 -20.68 -2.78
N THR A 70 0.08 -20.42 -3.75
CA THR A 70 1.41 -20.06 -3.37
C THR A 70 2.00 -18.63 -3.36
N ASN A 71 1.75 -17.62 -4.24
CA ASN A 71 1.20 -17.52 -5.63
C ASN A 71 0.25 -18.59 -6.21
N ALA A 72 -1.04 -18.30 -6.43
CA ALA A 72 -1.64 -16.99 -6.51
C ALA A 72 -0.97 -16.26 -7.62
N TYR A 73 -0.26 -16.91 -8.55
CA TYR A 73 -0.68 -17.71 -9.72
C TYR A 73 -1.85 -18.68 -10.04
N VAL A 74 -2.13 -18.69 -11.35
CA VAL A 74 -3.23 -19.41 -12.05
C VAL A 74 -2.68 -20.51 -12.99
N VAL A 75 -2.43 -21.71 -12.49
CA VAL A 75 -1.76 -22.74 -13.30
C VAL A 75 -2.57 -23.29 -14.50
N ALA A 76 -3.89 -23.15 -14.46
CA ALA A 76 -4.71 -23.92 -15.36
C ALA A 76 -6.13 -23.43 -15.29
N TYR A 77 -6.92 -23.80 -16.29
CA TYR A 77 -8.35 -23.56 -16.27
C TYR A 77 -9.09 -24.73 -16.90
N ARG A 78 -10.26 -25.04 -16.35
CA ARG A 78 -11.06 -26.16 -16.83
C ARG A 78 -12.31 -25.62 -17.49
N ALA A 79 -12.58 -26.08 -18.70
CA ALA A 79 -13.77 -25.68 -19.42
C ALA A 79 -14.58 -26.91 -19.82
N GLY A 80 -15.43 -27.37 -18.90
CA GLY A 80 -16.27 -28.54 -19.14
C GLY A 80 -15.52 -29.82 -18.91
N SER A 81 -15.55 -30.72 -19.88
CA SER A 81 -14.87 -32.00 -19.76
C SER A 81 -13.45 -31.96 -20.31
N GLU A 82 -12.94 -30.75 -20.52
CA GLU A 82 -11.55 -30.55 -20.89
C GLU A 82 -10.89 -29.53 -19.96
N SER A 83 -9.61 -29.74 -19.64
CA SER A 83 -8.83 -28.72 -18.90
C SER A 83 -7.47 -28.47 -19.52
N PHE A 84 -6.96 -27.26 -19.30
CA PHE A 84 -5.79 -26.76 -20.01
C PHE A 84 -4.81 -26.22 -19.02
N PHE A 85 -3.54 -26.56 -19.18
CA PHE A 85 -2.52 -26.10 -18.24
C PHE A 85 -1.43 -25.34 -18.98
N PHE A 86 -0.83 -24.38 -18.30
CA PHE A 86 0.30 -23.65 -18.83
C PHE A 86 1.52 -24.54 -18.95
N ARG A 87 2.35 -24.25 -19.93
CA ARG A 87 3.48 -25.13 -20.26
C ARG A 87 4.56 -25.18 -19.19
N ASN A 88 4.29 -24.64 -18.01
CA ASN A 88 5.29 -24.58 -16.93
C ASN A 88 4.69 -24.87 -15.55
N ALA A 89 3.42 -25.26 -15.53
CA ALA A 89 2.82 -25.84 -14.35
C ALA A 89 3.64 -27.08 -14.05
N PRO A 90 3.89 -27.36 -12.77
CA PRO A 90 4.63 -28.58 -12.56
C PRO A 90 3.72 -29.81 -12.47
N ALA A 91 4.36 -30.98 -12.42
CA ALA A 91 3.70 -32.29 -12.43
C ALA A 91 2.59 -32.39 -11.40
N SER A 92 2.69 -31.56 -10.36
CA SER A 92 1.73 -31.55 -9.28
C SER A 92 0.39 -31.01 -9.74
N ALA A 93 0.37 -29.81 -10.30
CA ALA A 93 -0.87 -29.26 -10.86
C ALA A 93 -1.64 -30.28 -11.69
N SER A 94 -0.92 -30.99 -12.56
CA SER A 94 -1.50 -31.94 -13.47
C SER A 94 -2.11 -33.16 -12.78
N THR A 95 -1.43 -33.72 -11.78
CA THR A 95 -1.94 -34.93 -11.09
C THR A 95 -3.05 -34.63 -10.10
N TYR A 96 -2.97 -33.44 -9.48
CA TYR A 96 -3.85 -33.09 -8.36
C TYR A 96 -4.96 -32.10 -8.70
N LEU A 97 -5.21 -31.87 -9.98
CA LEU A 97 -6.13 -30.81 -10.34
C LEU A 97 -6.92 -31.12 -11.59
N PHE A 98 -8.20 -30.79 -11.56
CA PHE A 98 -9.12 -31.09 -12.65
C PHE A 98 -9.00 -32.53 -13.11
N THR A 99 -8.72 -33.43 -12.18
CA THR A 99 -8.68 -34.85 -12.50
C THR A 99 -10.04 -35.24 -13.05
N GLY A 100 -10.15 -36.46 -13.55
CA GLY A 100 -11.38 -36.90 -14.19
C GLY A 100 -11.68 -36.15 -15.50
N THR A 101 -10.77 -35.27 -15.90
CA THR A 101 -10.88 -34.51 -17.14
C THR A 101 -9.80 -34.89 -18.15
N GLN A 102 -10.01 -34.50 -19.41
CA GLN A 102 -8.94 -34.58 -20.41
C GLN A 102 -8.05 -33.34 -20.32
N GLN A 103 -6.75 -33.57 -20.20
CA GLN A 103 -5.78 -32.52 -19.87
C GLN A 103 -4.80 -32.19 -20.99
N TYR A 104 -4.89 -30.96 -21.49
CA TYR A 104 -4.03 -30.49 -22.55
C TYR A 104 -3.15 -29.37 -22.01
N SER A 105 -2.05 -29.11 -22.73
CA SER A 105 -1.10 -28.05 -22.40
C SER A 105 -1.07 -26.95 -23.45
N LEU A 106 -1.28 -25.74 -22.99
CA LEU A 106 -1.17 -24.56 -23.84
C LEU A 106 0.29 -24.39 -24.26
N PRO A 107 0.53 -23.81 -25.43
CA PRO A 107 1.92 -23.62 -25.79
C PRO A 107 2.59 -22.39 -25.18
N PHE A 108 2.05 -21.86 -24.08
CA PHE A 108 2.70 -20.70 -23.45
C PHE A 108 2.91 -20.78 -21.94
N ASP A 109 4.01 -20.18 -21.49
CA ASP A 109 4.32 -19.96 -20.08
C ASP A 109 3.20 -19.15 -19.52
N GLY A 110 3.22 -18.96 -18.21
CA GLY A 110 2.13 -18.28 -17.52
C GLY A 110 2.55 -17.01 -16.82
N ASN A 111 3.72 -16.52 -17.21
CA ASN A 111 4.19 -15.18 -16.87
C ASN A 111 3.52 -14.25 -17.89
N TYR A 112 3.61 -12.93 -17.73
CA TYR A 112 3.05 -12.05 -18.77
C TYR A 112 3.90 -11.95 -20.01
N ASP A 113 5.22 -11.85 -19.88
CA ASP A 113 6.03 -11.50 -21.04
C ASP A 113 5.97 -12.62 -22.08
N ASP A 114 5.32 -13.70 -21.72
CA ASP A 114 5.08 -14.80 -22.64
C ASP A 114 3.68 -14.81 -23.18
N LEU A 115 2.67 -14.71 -22.31
CA LEU A 115 1.30 -14.45 -22.72
C LEU A 115 1.16 -13.25 -23.68
N GLU A 116 1.85 -12.15 -23.38
CA GLU A 116 1.90 -11.00 -24.25
C GLU A 116 2.50 -11.40 -25.59
N LYS A 117 3.65 -12.08 -25.55
CA LYS A 117 4.26 -12.60 -26.77
C LYS A 117 3.20 -13.32 -27.62
N TRP A 118 2.42 -14.18 -26.97
CA TRP A 118 1.43 -15.00 -27.66
C TRP A 118 0.23 -14.19 -28.13
N ALA A 119 -0.16 -13.16 -27.38
CA ALA A 119 -1.34 -12.36 -27.74
C ALA A 119 -1.03 -11.32 -28.80
N HIS A 120 0.24 -11.23 -29.19
CA HIS A 120 0.74 -10.17 -30.08
C HIS A 120 0.39 -8.75 -29.60
N GLN A 121 0.13 -8.62 -28.29
CA GLN A 121 -0.32 -7.35 -27.71
C GLN A 121 0.09 -7.13 -26.25
N SER A 122 0.75 -6.01 -25.99
CA SER A 122 1.19 -5.67 -24.63
C SER A 122 0.03 -5.69 -23.65
N ARG A 123 0.37 -5.88 -22.38
CA ARG A 123 -0.59 -5.85 -21.29
C ARG A 123 -1.46 -4.59 -21.26
N GLN A 124 -0.94 -3.53 -21.87
CA GLN A 124 -1.48 -2.21 -21.64
C GLN A 124 -2.37 -1.76 -22.78
N ARG A 125 -2.64 -2.64 -23.72
CA ARG A 125 -3.55 -2.28 -24.82
C ARG A 125 -4.80 -3.10 -24.69
N ILE A 126 -4.74 -4.08 -23.79
CA ILE A 126 -5.78 -5.08 -23.62
C ILE A 126 -6.66 -4.57 -22.51
N SER A 127 -7.94 -4.40 -22.84
CA SER A 127 -8.88 -3.67 -22.00
C SER A 127 -9.52 -4.55 -20.94
N LEU A 128 -9.80 -3.96 -19.79
CA LEU A 128 -10.43 -4.70 -18.71
C LEU A 128 -11.79 -4.11 -18.38
N GLY A 129 -12.68 -4.98 -17.92
CA GLY A 129 -14.03 -4.58 -17.52
C GLY A 129 -14.85 -5.81 -17.20
N LEU A 130 -16.11 -5.62 -16.90
CA LEU A 130 -16.93 -6.79 -16.73
C LEU A 130 -17.22 -7.47 -18.08
N GLU A 131 -17.89 -6.73 -18.99
CA GLU A 131 -18.36 -7.28 -20.28
C GLU A 131 -17.23 -8.04 -20.94
N ALA A 132 -16.01 -7.62 -20.63
CA ALA A 132 -14.83 -8.19 -21.23
C ALA A 132 -14.46 -9.51 -20.55
N LEU A 133 -14.87 -9.66 -19.30
CA LEU A 133 -14.64 -10.88 -18.54
C LEU A 133 -15.72 -11.90 -18.86
N ARG A 134 -16.96 -11.41 -18.99
CA ARG A 134 -18.06 -12.25 -19.43
C ARG A 134 -17.85 -12.72 -20.87
N GLN A 135 -17.13 -11.92 -21.66
CA GLN A 135 -16.83 -12.30 -23.02
C GLN A 135 -15.80 -13.41 -22.99
N GLY A 136 -14.90 -13.29 -22.01
CA GLY A 136 -13.87 -14.28 -21.74
C GLY A 136 -14.40 -15.62 -21.27
N ILE A 137 -15.26 -15.63 -20.25
CA ILE A 137 -15.86 -16.88 -19.83
C ILE A 137 -16.53 -17.53 -21.04
N LYS A 138 -17.38 -16.78 -21.74
CA LYS A 138 -18.13 -17.33 -22.88
C LYS A 138 -17.19 -17.96 -23.89
N PHE A 139 -16.14 -17.21 -24.23
CA PHE A 139 -15.15 -17.70 -25.18
C PHE A 139 -14.50 -19.00 -24.73
N LEU A 140 -13.76 -18.92 -23.62
CA LEU A 140 -13.00 -20.05 -23.13
C LEU A 140 -13.91 -21.29 -23.00
N ARG A 141 -15.18 -21.07 -22.68
CA ARG A 141 -16.11 -22.17 -22.53
C ARG A 141 -16.46 -22.85 -23.87
N SER A 142 -16.91 -22.07 -24.86
CA SER A 142 -17.13 -22.62 -26.21
C SER A 142 -15.78 -22.83 -26.83
N GLY A 143 -15.27 -24.04 -26.66
CA GLY A 143 -13.85 -24.34 -26.84
C GLY A 143 -13.38 -24.15 -28.28
N ALA A 144 -12.92 -22.95 -28.58
CA ALA A 144 -12.41 -22.63 -29.91
C ALA A 144 -10.92 -22.33 -29.83
N SER A 145 -10.11 -23.27 -30.31
CA SER A 145 -8.65 -23.16 -30.35
C SER A 145 -8.15 -22.04 -31.25
N ASP A 146 -8.10 -20.84 -30.67
CA ASP A 146 -7.43 -19.70 -31.25
C ASP A 146 -6.46 -19.20 -30.19
N ASP A 147 -5.23 -19.75 -30.20
CA ASP A 147 -4.25 -19.45 -29.15
C ASP A 147 -4.13 -17.94 -28.94
N GLU A 148 -3.92 -17.22 -30.04
CA GLU A 148 -3.87 -15.78 -30.02
C GLU A 148 -4.91 -15.24 -29.03
N GLU A 149 -6.16 -15.64 -29.17
CA GLU A 149 -7.20 -15.20 -28.24
C GLU A 149 -7.07 -15.77 -26.83
N ILE A 150 -6.76 -17.06 -26.74
CA ILE A 150 -6.72 -17.73 -25.45
C ILE A 150 -5.78 -16.98 -24.52
N ALA A 151 -4.64 -16.55 -25.06
CA ALA A 151 -3.71 -15.66 -24.35
C ALA A 151 -4.44 -14.38 -23.92
N ARG A 152 -4.78 -13.52 -24.89
CA ARG A 152 -5.49 -12.28 -24.63
C ARG A 152 -6.53 -12.42 -23.51
N THR A 153 -7.41 -13.41 -23.63
CA THR A 153 -8.49 -13.55 -22.68
C THR A 153 -8.00 -14.09 -21.36
N LEU A 154 -6.90 -14.82 -21.37
CA LEU A 154 -6.32 -15.23 -20.09
C LEU A 154 -5.80 -14.02 -19.30
N ILE A 155 -5.01 -13.17 -19.97
CA ILE A 155 -4.51 -11.89 -19.44
C ILE A 155 -5.60 -11.09 -18.71
N VAL A 156 -6.78 -11.02 -19.32
CA VAL A 156 -7.91 -10.33 -18.73
C VAL A 156 -8.24 -10.95 -17.38
N ILE A 157 -8.43 -12.26 -17.38
CA ILE A 157 -8.87 -12.95 -16.19
C ILE A 157 -7.86 -12.84 -15.04
N ILE A 158 -6.62 -13.26 -15.27
CA ILE A 158 -5.55 -13.21 -14.26
C ILE A 158 -5.60 -11.89 -13.53
N GLN A 159 -5.44 -10.80 -14.29
CA GLN A 159 -5.52 -9.45 -13.77
C GLN A 159 -6.76 -9.23 -12.88
N MET A 160 -7.96 -9.27 -13.48
CA MET A 160 -9.23 -9.15 -12.76
C MET A 160 -9.49 -10.18 -11.68
N VAL A 161 -8.55 -11.10 -11.44
CA VAL A 161 -8.72 -12.10 -10.38
C VAL A 161 -7.50 -12.28 -9.47
N ALA A 162 -6.40 -12.78 -10.04
CA ALA A 162 -5.18 -12.97 -9.25
C ALA A 162 -4.53 -11.64 -8.86
N GLU A 163 -4.42 -10.70 -9.81
CA GLU A 163 -3.85 -9.38 -9.52
C GLU A 163 -4.78 -8.58 -8.64
N ALA A 164 -6.07 -8.90 -8.73
CA ALA A 164 -7.10 -8.27 -7.93
C ALA A 164 -6.91 -8.66 -6.48
N ALA A 165 -6.55 -9.92 -6.29
CA ALA A 165 -6.32 -10.51 -4.97
C ALA A 165 -5.19 -9.80 -4.25
N ARG A 166 -4.17 -9.39 -4.99
CA ARG A 166 -2.92 -8.84 -4.44
C ARG A 166 -2.95 -7.37 -4.13
N PHE A 167 -3.49 -6.60 -5.05
CA PHE A 167 -3.43 -5.20 -4.88
C PHE A 167 -4.80 -4.60 -4.73
N ARG A 168 -4.97 -3.95 -3.59
CA ARG A 168 -6.15 -3.17 -3.28
C ARG A 168 -6.39 -2.17 -4.41
N TYR A 169 -5.29 -1.78 -5.07
CA TYR A 169 -5.33 -0.89 -6.23
C TYR A 169 -6.04 -1.48 -7.43
N VAL A 170 -5.85 -2.79 -7.67
CA VAL A 170 -6.54 -3.48 -8.80
C VAL A 170 -8.05 -3.78 -8.52
N SER A 171 -8.37 -4.26 -7.32
CA SER A 171 -9.76 -4.31 -6.91
C SER A 171 -10.54 -3.03 -7.27
N LYS A 172 -10.13 -1.86 -6.76
CA LYS A 172 -10.84 -0.62 -7.09
C LYS A 172 -10.98 -0.31 -8.57
N LEU A 173 -9.87 -0.37 -9.28
CA LEU A 173 -9.93 -0.11 -10.68
C LEU A 173 -11.03 -0.94 -11.32
N VAL A 174 -11.09 -2.22 -10.93
CA VAL A 174 -12.21 -3.08 -11.33
C VAL A 174 -13.55 -2.51 -10.85
N VAL A 175 -13.68 -2.30 -9.54
CA VAL A 175 -14.93 -1.88 -8.98
C VAL A 175 -15.38 -0.61 -9.63
N ILE A 176 -14.43 0.26 -9.99
CA ILE A 176 -14.77 1.53 -10.65
C ILE A 176 -15.37 1.26 -12.04
N SER A 177 -14.75 0.38 -12.81
CA SER A 177 -15.34 -0.07 -14.08
C SER A 177 -16.81 -0.50 -13.93
N LEU A 178 -17.08 -1.39 -12.97
CA LEU A 178 -18.43 -1.91 -12.76
C LEU A 178 -19.40 -0.79 -12.53
N SER A 179 -19.05 0.11 -11.62
CA SER A 179 -19.95 1.20 -11.24
C SER A 179 -20.07 2.18 -12.38
N ASN A 180 -18.96 2.38 -13.11
CA ASN A 180 -18.95 3.25 -14.28
C ASN A 180 -19.55 2.66 -15.53
N ARG A 181 -19.57 1.33 -15.61
CA ARG A 181 -19.83 0.59 -16.86
C ARG A 181 -19.07 1.15 -18.04
N ALA A 182 -17.75 1.15 -17.89
CA ALA A 182 -16.83 1.44 -18.98
C ALA A 182 -15.49 0.77 -18.73
N ALA A 183 -14.95 0.16 -19.79
CA ALA A 183 -13.69 -0.59 -19.72
C ALA A 183 -12.48 0.29 -19.47
N PHE A 184 -11.41 -0.29 -18.93
CA PHE A 184 -10.16 0.44 -18.70
C PHE A 184 -8.93 -0.41 -19.00
N GLN A 185 -7.86 0.24 -19.39
CA GLN A 185 -6.60 -0.44 -19.60
C GLN A 185 -5.70 -0.06 -18.44
N PRO A 186 -4.80 -0.96 -17.98
CA PRO A 186 -4.00 -0.58 -16.82
C PRO A 186 -2.99 0.51 -17.16
N ASP A 187 -2.88 1.47 -16.25
CA ASP A 187 -1.97 2.59 -16.33
C ASP A 187 -0.64 2.20 -15.72
N PRO A 188 0.43 2.97 -15.99
CA PRO A 188 1.70 2.82 -15.29
C PRO A 188 1.59 2.39 -13.83
N SER A 189 0.67 2.99 -13.10
CA SER A 189 0.50 2.70 -11.68
C SER A 189 0.17 1.25 -11.38
N MET A 190 -0.69 0.67 -12.20
CA MET A 190 -1.11 -0.72 -12.00
C MET A 190 0.00 -1.70 -12.39
N LEU A 191 0.63 -1.45 -13.55
CA LEU A 191 1.64 -2.33 -14.09
C LEU A 191 2.79 -2.51 -13.12
N SER A 192 3.16 -1.40 -12.48
CA SER A 192 4.16 -1.39 -11.43
C SER A 192 3.86 -2.44 -10.41
N LEU A 193 2.79 -2.23 -9.66
CA LEU A 193 2.34 -3.18 -8.65
C LEU A 193 2.37 -4.64 -9.12
N GLU A 194 1.83 -4.89 -10.31
CA GLU A 194 1.96 -6.18 -10.92
C GLU A 194 3.43 -6.58 -11.00
N ASN A 195 4.26 -5.76 -11.64
CA ASN A 195 5.68 -6.09 -11.86
C ASN A 195 6.61 -6.10 -10.63
N THR A 196 6.09 -5.77 -9.46
CA THR A 196 6.96 -5.46 -8.32
C THR A 196 6.42 -6.10 -7.04
N TRP A 197 5.77 -7.25 -7.18
CA TRP A 197 5.05 -7.85 -6.07
C TRP A 197 6.03 -8.60 -5.19
N GLU A 198 6.84 -9.45 -5.81
CA GLU A 198 7.94 -10.15 -5.12
C GLU A 198 8.83 -9.18 -4.34
N PRO A 199 9.46 -8.21 -5.03
CA PRO A 199 10.44 -7.35 -4.38
C PRO A 199 9.84 -6.48 -3.28
N LEU A 200 8.59 -6.07 -3.46
CA LEU A 200 7.87 -5.35 -2.42
C LEU A 200 7.48 -6.28 -1.27
N SER A 201 7.12 -7.51 -1.60
CA SER A 201 6.79 -8.48 -0.58
C SER A 201 7.94 -8.69 0.38
N ARG A 202 9.15 -8.76 -0.17
CA ARG A 202 10.34 -9.06 0.58
C ARG A 202 10.72 -7.87 1.42
N ALA A 203 10.51 -6.68 0.87
CA ALA A 203 10.78 -5.45 1.60
C ALA A 203 10.00 -5.48 2.91
N VAL A 204 8.68 -5.29 2.84
CA VAL A 204 7.80 -5.41 4.01
C VAL A 204 8.31 -6.38 5.06
N GLN A 205 8.81 -7.53 4.65
CA GLN A 205 9.21 -8.58 5.59
C GLN A 205 10.58 -8.40 6.25
N HIS A 206 11.56 -7.87 5.52
CA HIS A 206 12.88 -7.53 6.09
C HIS A 206 12.90 -6.24 6.93
N THR A 207 11.80 -5.48 6.90
CA THR A 207 11.67 -4.17 7.57
C THR A 207 12.14 -4.18 9.01
N VAL A 208 12.99 -3.21 9.39
CA VAL A 208 13.55 -3.17 10.76
C VAL A 208 13.16 -1.95 11.60
N GLN A 209 13.76 -0.79 11.32
CA GLN A 209 13.28 0.42 11.97
C GLN A 209 12.18 1.04 11.14
N ASP A 210 11.25 0.19 10.68
CA ASP A 210 10.14 0.64 9.86
C ASP A 210 10.70 1.11 8.52
N THR A 211 11.85 0.54 8.16
CA THR A 211 12.61 0.93 6.97
C THR A 211 12.92 -0.29 6.11
N PHE A 212 12.68 -0.16 4.81
CA PHE A 212 13.06 -1.19 3.84
C PHE A 212 14.56 -1.15 3.60
N PRO A 213 15.20 -2.33 3.60
CA PRO A 213 16.66 -2.33 3.37
C PRO A 213 17.04 -2.13 1.90
N GLN A 214 16.09 -2.17 0.98
CA GLN A 214 16.30 -1.76 -0.40
C GLN A 214 15.09 -1.02 -0.89
N ASN A 215 15.34 0.12 -1.53
CA ASN A 215 14.29 1.00 -2.02
C ASN A 215 13.52 0.36 -3.14
N VAL A 216 12.23 0.22 -2.95
CA VAL A 216 11.34 -0.26 -3.98
C VAL A 216 10.87 0.93 -4.80
N THR A 217 10.95 0.86 -6.12
CA THR A 217 10.60 2.01 -6.92
C THR A 217 9.42 1.80 -7.83
N LEU A 218 8.34 2.50 -7.52
CA LEU A 218 7.10 2.41 -8.27
C LEU A 218 6.93 3.56 -9.26
N ILE A 219 5.96 3.40 -10.17
CA ILE A 219 5.64 4.47 -11.12
C ILE A 219 4.20 4.91 -10.93
N ASN A 220 3.99 6.22 -10.90
CA ASN A 220 2.67 6.80 -10.66
C ASN A 220 2.04 7.18 -12.00
N VAL A 221 0.72 7.43 -12.03
CA VAL A 221 0.02 7.64 -13.32
C VAL A 221 0.77 8.50 -14.31
N ARG A 222 1.46 9.53 -13.82
CA ARG A 222 2.19 10.38 -14.72
C ARG A 222 3.65 9.96 -14.80
N GLN A 223 3.89 8.67 -15.03
CA GLN A 223 5.25 8.11 -15.21
C GLN A 223 6.38 8.79 -14.41
N GLU A 224 6.13 9.14 -13.15
CA GLU A 224 7.16 9.68 -12.26
C GLU A 224 7.51 8.54 -11.32
N ARG A 225 8.66 8.62 -10.66
CA ARG A 225 9.08 7.57 -9.75
C ARG A 225 8.69 7.91 -8.33
N VAL A 226 8.03 6.97 -7.68
CA VAL A 226 7.83 7.06 -6.25
C VAL A 226 8.80 6.04 -5.70
N VAL A 227 9.76 6.46 -4.86
CA VAL A 227 10.73 5.50 -4.30
C VAL A 227 10.52 5.26 -2.82
N VAL A 228 10.04 4.06 -2.52
CA VAL A 228 9.47 3.73 -1.22
C VAL A 228 10.49 3.02 -0.34
N SER A 229 10.90 3.64 0.77
CA SER A 229 11.88 2.99 1.64
C SER A 229 11.27 2.65 2.99
N SER A 230 9.98 2.97 3.15
CA SER A 230 9.29 2.74 4.43
C SER A 230 7.96 1.98 4.47
N LEU A 231 7.94 0.97 5.31
CA LEU A 231 6.72 0.36 5.79
C LEU A 231 5.62 1.40 6.13
N SER A 232 6.02 2.61 6.46
CA SER A 232 5.08 3.63 6.88
C SER A 232 4.49 4.39 5.71
N HIS A 233 4.94 4.06 4.50
CA HIS A 233 4.55 4.79 3.30
C HIS A 233 3.09 4.56 2.96
N PRO A 234 2.38 5.58 2.46
CA PRO A 234 0.99 5.37 2.03
C PRO A 234 0.88 4.23 1.03
N SER A 235 1.61 4.34 -0.07
CA SER A 235 1.59 3.33 -1.11
C SER A 235 1.61 1.90 -0.57
N VAL A 236 2.51 1.59 0.35
CA VAL A 236 2.62 0.24 0.89
C VAL A 236 1.23 -0.38 1.13
N SER A 237 0.25 0.47 1.46
CA SER A 237 -1.15 0.07 1.66
C SER A 237 -1.79 -0.59 0.44
N ALA A 238 -1.25 -0.32 -0.75
CA ALA A 238 -1.76 -0.92 -1.99
C ALA A 238 -1.70 -2.44 -1.99
N LEU A 239 -0.81 -2.96 -1.16
CA LEU A 239 -0.53 -4.38 -1.04
C LEU A 239 -1.47 -5.07 -0.09
N ALA A 240 -2.19 -6.07 -0.61
CA ALA A 240 -3.21 -6.76 0.15
C ALA A 240 -2.79 -8.20 0.37
N LEU A 241 -1.87 -8.68 -0.45
CA LEU A 241 -1.39 -10.04 -0.30
C LEU A 241 0.08 -10.18 -0.63
N MET A 242 0.86 -10.59 0.35
CA MET A 242 2.29 -10.76 0.16
C MET A 242 2.58 -12.19 -0.10
N LEU A 243 3.45 -12.40 -1.07
CA LEU A 243 4.12 -13.67 -1.24
C LEU A 243 4.96 -13.85 0.01
N PHE A 244 5.00 -15.07 0.55
CA PHE A 244 5.87 -15.33 1.70
C PHE A 244 7.36 -15.38 1.30
N VAL A 245 8.22 -14.67 2.05
CA VAL A 245 9.67 -14.72 1.80
C VAL A 245 10.50 -15.07 3.04
N CYS A 246 10.07 -14.60 4.22
CA CYS A 246 10.69 -14.99 5.50
C CYS A 246 9.88 -14.54 6.70
N ASN A 247 10.00 -15.28 7.80
CA ASN A 247 9.42 -14.85 9.07
C ASN A 247 10.37 -13.92 9.78
N PRO A 248 9.85 -12.89 10.46
CA PRO A 248 10.69 -12.11 11.38
C PRO A 248 10.58 -12.52 12.87
N ILE B 7 13.77 -17.25 7.93
CA ILE B 7 13.97 -16.28 9.07
C ILE B 7 14.79 -15.04 8.70
N CYS B 8 14.10 -14.07 8.12
CA CYS B 8 14.65 -12.75 7.84
C CYS B 8 15.85 -12.37 8.71
N SER B 9 17.03 -12.37 8.11
CA SER B 9 18.25 -11.86 8.77
C SER B 9 18.22 -10.33 9.01
N SER B 10 19.07 -9.88 9.94
CA SER B 10 19.19 -8.46 10.26
C SER B 10 20.64 -7.98 10.18
N HIS B 11 21.42 -8.63 9.31
CA HIS B 11 22.74 -8.10 8.96
C HIS B 11 22.59 -6.61 8.60
N TYR B 12 21.48 -6.30 7.92
CA TYR B 12 21.20 -5.02 7.27
C TYR B 12 21.16 -3.83 8.20
N GLU B 13 21.81 -2.75 7.77
CA GLU B 13 21.76 -1.45 8.44
C GLU B 13 21.65 -0.38 7.35
N PRO B 14 20.42 0.07 7.06
CA PRO B 14 20.22 0.98 5.96
C PRO B 14 20.58 2.39 6.35
N THR B 15 20.63 3.30 5.38
CA THR B 15 20.85 4.68 5.71
C THR B 15 20.00 5.64 4.87
N VAL B 16 19.10 6.31 5.55
CA VAL B 16 18.11 7.14 4.89
C VAL B 16 18.05 8.50 5.57
N ARG B 17 17.58 9.49 4.83
CA ARG B 17 17.20 10.74 5.44
C ARG B 17 15.81 10.56 6.05
N ILE B 18 15.36 11.56 6.77
CA ILE B 18 14.10 11.43 7.48
C ILE B 18 13.23 12.66 7.22
N GLY B 19 12.05 12.44 6.70
CA GLY B 19 11.12 13.54 6.50
C GLY B 19 10.15 13.65 7.64
N GLY B 20 9.46 14.78 7.73
CA GLY B 20 8.57 15.01 8.84
C GLY B 20 7.72 16.25 8.71
N ARG B 21 7.49 16.94 9.83
CA ARG B 21 6.61 18.11 9.83
C ARG B 21 6.81 18.96 8.56
N ASP B 22 5.73 19.30 7.87
CA ASP B 22 5.78 20.13 6.65
C ASP B 22 6.73 19.65 5.53
N GLY B 23 7.16 18.40 5.60
CA GLY B 23 7.93 17.81 4.51
C GLY B 23 9.38 18.24 4.52
N LEU B 24 9.81 18.63 5.71
CA LEU B 24 11.19 19.03 5.95
C LEU B 24 12.00 17.83 6.41
N CYS B 25 13.31 18.07 6.45
CA CYS B 25 14.25 17.03 6.73
C CYS B 25 14.89 17.20 8.11
N VAL B 26 15.36 16.08 8.63
CA VAL B 26 16.09 16.05 9.90
C VAL B 26 17.54 16.31 9.52
N ASP B 27 18.19 17.22 10.27
CA ASP B 27 19.38 17.94 9.80
C ASP B 27 20.43 18.20 10.88
N VAL B 28 21.71 18.09 10.53
CA VAL B 28 22.79 18.44 11.48
C VAL B 28 23.28 19.87 11.25
N SER B 29 23.02 20.71 12.23
CA SER B 29 23.08 22.16 12.07
C SER B 29 24.36 22.66 11.42
N ASP B 30 24.18 23.24 10.23
CA ASP B 30 25.25 23.85 9.43
C ASP B 30 26.25 22.85 8.86
N ASN B 31 26.05 21.55 9.14
CA ASN B 31 27.00 20.51 8.76
C ASN B 31 28.16 20.45 9.78
N ALA B 32 27.89 20.91 11.00
CA ALA B 32 28.87 20.89 12.10
C ALA B 32 28.51 19.80 13.10
N TYR B 33 29.53 19.13 13.63
CA TYR B 33 29.30 17.90 14.41
C TYR B 33 29.79 17.89 15.88
N ASN B 34 30.52 18.92 16.30
CA ASN B 34 30.93 19.04 17.69
C ASN B 34 29.80 18.60 18.63
N ASN B 35 30.09 17.57 19.43
CA ASN B 35 29.19 17.11 20.49
C ASN B 35 28.40 18.26 21.13
N GLY B 36 27.08 18.17 21.09
CA GLY B 36 26.24 19.19 21.72
C GLY B 36 25.46 20.03 20.74
N ASN B 37 25.89 20.00 19.48
CA ASN B 37 25.26 20.78 18.42
C ASN B 37 23.84 20.32 18.15
N PRO B 38 22.87 21.23 18.30
CA PRO B 38 21.44 21.01 18.10
C PRO B 38 21.07 20.43 16.74
N ILE B 39 20.14 19.46 16.75
CA ILE B 39 19.60 18.85 15.56
C ILE B 39 18.33 19.59 15.08
N ILE B 40 18.44 20.20 13.90
CA ILE B 40 17.37 21.05 13.36
C ILE B 40 16.58 20.41 12.21
N LEU B 41 15.55 21.16 11.80
CA LEU B 41 14.56 20.67 10.89
C LEU B 41 14.61 21.54 9.66
N TRP B 42 15.60 21.30 8.82
CA TRP B 42 15.80 22.16 7.68
C TRP B 42 15.05 21.70 6.43
N LYS B 43 15.09 22.53 5.40
CA LYS B 43 14.69 22.20 4.02
C LYS B 43 15.36 20.91 3.57
N CYS B 44 14.66 20.09 2.79
CA CYS B 44 15.26 18.83 2.33
C CYS B 44 16.13 19.11 1.15
N LYS B 45 17.44 19.19 1.39
CA LYS B 45 18.41 19.65 0.40
C LYS B 45 18.30 18.87 -0.93
N ASP B 46 18.67 19.52 -2.04
CA ASP B 46 18.50 19.02 -3.41
C ASP B 46 19.01 17.59 -3.69
N GLN B 47 20.31 17.37 -3.46
CA GLN B 47 20.92 16.04 -3.53
C GLN B 47 21.31 15.59 -2.12
N LEU B 48 21.81 14.35 -1.99
CA LEU B 48 21.97 13.69 -0.70
C LEU B 48 23.28 14.04 0.01
N GLU B 49 23.21 14.94 0.98
CA GLU B 49 24.38 15.39 1.71
C GLU B 49 24.51 14.56 2.99
N VAL B 50 25.64 14.65 3.68
CA VAL B 50 25.88 13.82 4.86
C VAL B 50 25.08 14.28 6.07
N ASN B 51 25.05 15.60 6.29
CA ASN B 51 24.33 16.24 7.41
C ASN B 51 22.80 16.06 7.38
N GLN B 52 22.34 15.24 6.44
CA GLN B 52 20.94 14.91 6.32
C GLN B 52 20.70 13.41 6.22
N LEU B 53 21.77 12.63 6.10
CA LEU B 53 21.64 11.18 6.01
C LEU B 53 21.85 10.48 7.36
N TRP B 54 21.13 9.38 7.55
CA TRP B 54 21.09 8.71 8.84
C TRP B 54 21.10 7.21 8.70
N THR B 55 22.15 6.56 9.20
CA THR B 55 22.18 5.12 9.25
C THR B 55 21.43 4.65 10.50
N LEU B 56 20.52 3.68 10.31
CA LEU B 56 19.71 3.14 11.40
C LEU B 56 20.27 1.81 11.94
N LYS B 57 21.17 1.91 12.90
CA LYS B 57 22.03 0.78 13.24
C LYS B 57 21.32 -0.30 14.03
N SER B 58 21.92 -1.48 14.02
CA SER B 58 21.44 -2.62 14.76
C SER B 58 21.29 -2.32 16.26
N ASP B 59 22.27 -1.63 16.85
CA ASP B 59 22.28 -1.36 18.30
C ASP B 59 21.13 -0.48 18.78
N LYS B 60 20.34 -0.01 17.82
CA LYS B 60 19.15 0.86 18.00
C LYS B 60 19.52 2.34 18.15
N THR B 61 20.69 2.70 17.62
CA THR B 61 21.10 4.11 17.53
C THR B 61 20.94 4.67 16.12
N ILE B 62 20.88 5.99 16.04
CA ILE B 62 20.66 6.65 14.76
C ILE B 62 21.78 7.64 14.47
N ARG B 63 22.54 7.38 13.39
CA ARG B 63 23.85 8.01 13.16
C ARG B 63 24.06 8.77 11.84
N SER B 64 24.50 10.01 11.96
CA SER B 64 25.05 10.76 10.83
C SER B 64 26.56 10.98 11.01
N LYS B 65 27.30 10.68 9.95
CA LYS B 65 28.76 10.85 9.92
C LYS B 65 29.43 10.10 11.08
N GLY B 66 28.75 9.07 11.60
CA GLY B 66 29.31 8.25 12.67
C GLY B 66 29.04 8.69 14.11
N LYS B 67 28.44 9.87 14.27
CA LYS B 67 28.04 10.35 15.61
C LYS B 67 26.54 10.10 15.87
N CYS B 68 26.08 10.37 17.10
CA CYS B 68 24.74 9.91 17.50
C CYS B 68 23.66 10.94 17.73
N LEU B 69 22.46 10.56 17.32
CA LEU B 69 21.25 11.32 17.55
C LEU B 69 20.91 11.23 19.04
N THR B 70 20.94 12.35 19.75
CA THR B 70 20.96 12.25 21.21
C THR B 70 20.07 13.27 21.93
N THR B 71 19.27 12.79 22.86
CA THR B 71 18.56 13.68 23.76
C THR B 71 19.53 14.30 24.73
N TYR B 72 19.32 15.58 25.02
CA TYR B 72 20.11 16.28 26.03
C TYR B 72 19.82 15.67 27.36
N GLY B 73 18.53 15.50 27.64
CA GLY B 73 18.03 14.90 28.88
C GLY B 73 16.64 14.30 28.72
N TYR B 74 16.13 13.63 29.75
CA TYR B 74 14.85 12.89 29.64
C TYR B 74 13.57 13.65 30.04
N ALA B 75 13.55 14.96 29.87
CA ALA B 75 12.40 15.74 30.29
C ALA B 75 11.78 16.46 29.10
N PRO B 76 10.45 16.33 28.94
CA PRO B 76 9.70 16.83 27.79
C PRO B 76 9.99 18.28 27.56
N GLY B 77 10.67 18.57 26.46
CA GLY B 77 11.12 19.94 26.15
C GLY B 77 12.63 20.11 26.04
N ASN B 78 13.37 19.03 26.32
CA ASN B 78 14.83 19.00 26.13
C ASN B 78 15.16 18.75 24.67
N TYR B 79 16.29 19.24 24.21
CA TYR B 79 16.59 19.10 22.77
C TYR B 79 17.44 17.89 22.41
N VAL B 80 17.27 17.43 21.17
CA VAL B 80 18.15 16.44 20.58
C VAL B 80 19.31 17.12 19.84
N MET B 81 20.47 16.51 19.94
CA MET B 81 21.74 17.08 19.50
C MET B 81 22.63 16.03 18.88
N ILE B 82 23.71 16.46 18.25
CA ILE B 82 24.73 15.51 17.84
C ILE B 82 25.79 15.30 18.94
N TYR B 83 26.02 14.04 19.30
CA TYR B 83 27.04 13.69 20.29
C TYR B 83 27.76 12.42 19.85
N ASP B 84 29.06 12.43 20.07
CA ASP B 84 29.89 11.27 19.83
C ASP B 84 29.44 10.12 20.75
N CYS B 85 28.92 9.04 20.16
CA CYS B 85 28.11 8.01 20.86
C CYS B 85 28.74 7.33 22.07
N SER B 86 30.06 7.18 22.05
CA SER B 86 30.75 6.58 23.19
C SER B 86 30.84 7.56 24.38
N SER B 87 31.15 8.83 24.09
CA SER B 87 31.18 9.90 25.10
C SER B 87 29.80 10.17 25.64
N ALA B 88 28.80 9.76 24.87
CA ALA B 88 27.39 10.01 25.18
C ALA B 88 26.81 9.02 26.19
N VAL B 89 25.76 9.46 26.88
CA VAL B 89 25.11 8.60 27.87
C VAL B 89 24.36 7.49 27.16
N ALA B 90 24.86 6.27 27.33
CA ALA B 90 24.26 5.03 26.78
C ALA B 90 22.80 5.15 26.30
N GLU B 91 21.87 5.10 27.25
CA GLU B 91 20.45 4.99 26.96
C GLU B 91 19.88 6.23 26.27
N ALA B 92 20.57 7.36 26.37
CA ALA B 92 20.10 8.62 25.78
C ALA B 92 20.25 8.65 24.26
N THR B 93 20.77 7.56 23.72
CA THR B 93 21.14 7.52 22.31
C THR B 93 20.42 6.38 21.60
N TYR B 94 19.75 5.52 22.37
CA TYR B 94 18.89 4.48 21.77
C TYR B 94 17.58 5.12 21.29
N TRP B 95 17.07 4.63 20.16
CA TRP B 95 15.79 5.11 19.62
C TRP B 95 14.99 3.98 18.96
N ASP B 96 13.71 4.23 18.76
CA ASP B 96 12.82 3.19 18.32
C ASP B 96 11.82 3.83 17.40
N ILE B 97 11.77 3.35 16.17
CA ILE B 97 10.82 3.87 15.18
C ILE B 97 9.70 2.88 14.99
N TRP B 98 8.49 3.37 15.17
CA TRP B 98 7.34 2.52 15.09
C TRP B 98 6.77 2.51 13.69
N ASP B 99 6.20 1.37 13.33
CA ASP B 99 5.49 1.23 12.08
C ASP B 99 4.31 2.23 11.98
N ASN B 100 3.96 2.86 13.11
CA ASN B 100 2.92 3.87 13.09
C ASN B 100 3.50 5.28 12.85
N GLY B 101 4.82 5.35 12.76
CA GLY B 101 5.50 6.57 12.30
C GLY B 101 6.05 7.53 13.36
N THR B 102 6.05 7.09 14.62
CA THR B 102 6.66 7.86 15.71
C THR B 102 8.04 7.32 16.08
N ILE B 103 8.95 8.23 16.44
CA ILE B 103 10.29 7.86 16.88
C ILE B 103 10.42 8.02 18.38
N ILE B 104 10.32 6.93 19.14
CA ILE B 104 10.36 7.05 20.58
C ILE B 104 11.75 6.78 21.11
N ASN B 105 12.04 7.36 22.28
CA ASN B 105 13.20 7.03 23.08
C ASN B 105 12.69 6.21 24.26
N PRO B 106 13.02 4.92 24.24
CA PRO B 106 12.70 3.87 25.19
C PRO B 106 12.68 4.30 26.63
N LYS B 107 13.83 4.76 27.14
CA LYS B 107 14.06 5.07 28.57
C LYS B 107 13.21 6.23 29.03
N SER B 108 13.22 7.28 28.21
CA SER B 108 12.55 8.52 28.50
C SER B 108 11.04 8.40 28.28
N GLY B 109 10.67 7.56 27.32
CA GLY B 109 9.27 7.36 26.93
C GLY B 109 8.80 8.54 26.10
N LEU B 110 9.74 9.45 25.90
CA LEU B 110 9.49 10.67 25.19
C LEU B 110 9.71 10.38 23.74
N VAL B 111 9.27 11.29 22.89
CA VAL B 111 9.22 11.02 21.46
C VAL B 111 9.65 12.27 20.71
N LEU B 112 10.25 12.06 19.55
CA LEU B 112 10.90 13.11 18.78
C LEU B 112 9.85 13.95 18.08
N SER B 113 9.98 15.26 18.22
CA SER B 113 8.96 16.19 17.70
C SER B 113 9.48 17.56 17.34
N ALA B 114 8.88 18.15 16.31
CA ALA B 114 9.35 19.39 15.70
C ALA B 114 8.39 20.50 16.05
N GLU B 115 8.80 21.37 16.98
CA GLU B 115 7.82 22.15 17.73
C GLU B 115 7.53 23.56 17.22
N SER B 116 8.31 24.02 16.25
CA SER B 116 8.05 25.32 15.61
C SER B 116 8.04 25.28 14.06
N SER B 117 7.39 26.28 13.50
CA SER B 117 7.14 26.44 12.05
C SER B 117 8.42 26.63 11.25
N SER B 118 9.17 27.69 11.62
CA SER B 118 10.51 28.02 11.10
C SER B 118 11.34 26.83 10.62
N MET B 119 12.03 27.04 9.51
CA MET B 119 13.00 26.10 8.99
C MET B 119 14.07 25.87 10.05
N GLY B 120 14.53 26.95 10.68
CA GLY B 120 15.60 26.87 11.69
C GLY B 120 15.27 26.20 13.03
N GLY B 121 14.10 25.57 13.09
CA GLY B 121 13.60 24.93 14.30
C GLY B 121 14.47 23.80 14.85
N THR B 122 14.53 23.72 16.17
CA THR B 122 15.20 22.64 16.86
C THR B 122 14.19 21.57 17.19
N LEU B 123 14.69 20.35 17.35
CA LEU B 123 13.83 19.25 17.74
C LEU B 123 13.86 19.07 19.25
N THR B 124 12.87 18.36 19.79
CA THR B 124 12.79 18.14 21.22
C THR B 124 12.16 16.79 21.45
N VAL B 125 12.49 16.15 22.55
CA VAL B 125 11.68 15.04 23.01
C VAL B 125 10.44 15.61 23.65
N GLN B 126 9.30 15.02 23.36
CA GLN B 126 8.04 15.48 23.94
C GLN B 126 7.22 14.31 24.50
N LYS B 127 6.11 14.59 25.18
CA LYS B 127 5.17 13.53 25.52
C LYS B 127 4.54 13.09 24.20
N ASN B 128 4.02 11.86 24.15
CA ASN B 128 3.45 11.37 22.89
C ASN B 128 1.93 11.59 22.77
N ASP B 129 1.58 12.57 21.96
CA ASP B 129 0.23 12.98 21.78
C ASP B 129 -0.18 12.73 20.36
N TYR B 130 0.75 12.15 19.59
CA TYR B 130 0.53 11.75 18.19
C TYR B 130 0.27 12.95 17.31
N ARG B 131 1.01 14.00 17.60
CA ARG B 131 0.93 15.21 16.83
C ARG B 131 1.47 14.99 15.42
N MET B 132 0.91 15.74 14.47
CA MET B 132 1.39 15.78 13.11
C MET B 132 2.84 16.13 13.18
N ARG B 133 3.20 16.93 14.18
CA ARG B 133 4.58 17.33 14.40
C ARG B 133 5.47 16.24 14.99
N GLN B 134 4.86 15.27 15.68
CA GLN B 134 5.59 14.07 16.14
C GLN B 134 5.69 12.93 15.11
N GLY B 135 5.20 13.19 13.90
CA GLY B 135 5.16 12.24 12.80
C GLY B 135 6.37 12.31 11.88
N TRP B 136 6.81 11.13 11.44
CA TRP B 136 8.06 10.93 10.68
C TRP B 136 7.95 9.80 9.64
N ARG B 137 8.77 9.87 8.60
CA ARG B 137 8.72 8.92 7.52
C ARG B 137 10.04 8.91 6.76
N THR B 138 10.82 7.86 7.03
CA THR B 138 12.07 7.50 6.33
C THR B 138 11.75 7.05 4.89
N GLY B 139 12.62 7.17 3.88
CA GLY B 139 13.97 7.69 3.87
C GLY B 139 14.35 7.92 2.41
N ASN B 140 15.39 8.68 2.14
CA ASN B 140 15.70 9.12 0.78
C ASN B 140 14.65 10.01 0.07
N ASP B 141 13.62 9.46 -0.57
CA ASP B 141 12.64 10.34 -1.29
C ASP B 141 11.57 10.99 -0.41
N THR B 142 11.87 12.21 0.04
CA THR B 142 11.03 12.93 1.04
C THR B 142 9.78 13.55 0.44
N SER B 143 9.74 13.63 -0.89
CA SER B 143 8.66 14.31 -1.58
C SER B 143 7.35 13.75 -1.06
N PRO B 144 6.37 14.62 -0.78
CA PRO B 144 5.04 14.13 -0.42
C PRO B 144 4.50 13.22 -1.50
N PHE B 145 3.56 12.37 -1.10
CA PHE B 145 3.05 11.36 -2.00
C PHE B 145 1.77 11.83 -2.69
N VAL B 146 1.92 12.26 -3.93
CA VAL B 146 0.81 12.86 -4.67
C VAL B 146 -0.06 11.74 -5.20
N THR B 147 -1.34 11.76 -4.84
CA THR B 147 -2.22 10.64 -5.14
C THR B 147 -3.67 11.02 -5.02
N SER B 148 -4.52 10.14 -5.56
CA SER B 148 -5.95 10.31 -5.40
C SER B 148 -6.56 9.25 -4.50
N ILE B 149 -7.33 9.71 -3.52
CA ILE B 149 -7.99 8.84 -2.57
C ILE B 149 -9.36 8.48 -3.10
N ALA B 150 -9.60 7.18 -3.20
CA ALA B 150 -10.86 6.65 -3.72
C ALA B 150 -11.71 6.16 -2.58
N GLY B 151 -13.01 6.39 -2.70
CA GLY B 151 -13.92 6.16 -1.61
C GLY B 151 -14.58 4.84 -1.77
N PHE B 152 -15.91 4.86 -1.83
CA PHE B 152 -16.71 3.73 -2.27
C PHE B 152 -16.33 3.38 -3.68
N PHE B 153 -17.15 2.51 -4.25
CA PHE B 153 -17.33 2.37 -5.69
C PHE B 153 -17.43 3.73 -6.39
N LYS B 154 -16.80 3.89 -7.56
CA LYS B 154 -17.00 5.07 -8.42
C LYS B 154 -16.64 6.42 -7.82
N LEU B 155 -16.04 6.44 -6.63
CA LEU B 155 -16.04 7.65 -5.79
C LEU B 155 -14.67 8.03 -5.22
N CYS B 156 -14.39 9.34 -5.20
CA CYS B 156 -13.11 9.88 -4.74
C CYS B 156 -13.29 11.17 -3.94
N MET B 157 -12.34 11.47 -3.05
CA MET B 157 -12.36 12.73 -2.30
C MET B 157 -12.01 13.83 -3.29
N GLU B 158 -12.83 14.88 -3.26
CA GLU B 158 -12.66 16.09 -4.05
C GLU B 158 -12.59 17.21 -3.02
N ALA B 159 -11.94 18.33 -3.37
CA ALA B 159 -11.69 19.36 -2.38
C ALA B 159 -12.14 20.74 -2.81
N HIS B 160 -13.07 21.30 -2.07
CA HIS B 160 -13.64 22.59 -2.42
C HIS B 160 -13.40 23.60 -1.31
N GLY B 161 -12.40 24.47 -1.51
CA GLY B 161 -12.02 25.49 -0.54
C GLY B 161 -11.68 24.89 0.81
N ASN B 162 -12.67 24.88 1.70
CA ASN B 162 -12.48 24.47 3.09
C ASN B 162 -12.90 23.07 3.50
N SER B 163 -14.07 22.60 3.08
CA SER B 163 -14.43 21.21 3.34
C SER B 163 -14.10 20.32 2.15
N MET B 164 -14.62 19.10 2.18
CA MET B 164 -14.32 18.07 1.17
C MET B 164 -15.43 17.06 1.19
N TRP B 165 -15.83 16.60 0.02
CA TRP B 165 -16.80 15.53 -0.07
C TRP B 165 -16.37 14.56 -1.11
N LEU B 166 -17.28 13.68 -1.51
CA LEU B 166 -16.96 12.72 -2.55
C LEU B 166 -17.58 13.11 -3.87
N ASP B 167 -16.91 12.76 -4.96
CA ASP B 167 -17.48 12.88 -6.29
C ASP B 167 -16.99 11.75 -7.19
N VAL B 168 -17.45 11.74 -8.43
CA VAL B 168 -17.09 10.69 -9.37
C VAL B 168 -15.61 10.78 -9.72
N CYS B 169 -14.89 9.67 -9.59
CA CYS B 169 -13.44 9.67 -9.79
C CYS B 169 -13.04 10.04 -11.21
N ASP B 170 -12.27 11.11 -11.29
CA ASP B 170 -11.85 11.71 -12.53
C ASP B 170 -10.41 12.15 -12.27
N ILE B 171 -9.48 11.60 -13.06
CA ILE B 171 -8.05 11.90 -12.82
C ILE B 171 -7.69 13.29 -13.36
N THR B 172 -8.47 13.73 -14.34
CA THR B 172 -8.43 15.08 -14.90
C THR B 172 -8.57 16.16 -13.82
N LYS B 173 -9.63 16.08 -13.00
CA LYS B 173 -9.88 17.08 -11.95
C LYS B 173 -8.67 17.21 -11.04
N GLU B 174 -8.33 18.45 -10.68
CA GLU B 174 -7.18 18.70 -9.83
C GLU B 174 -7.60 18.53 -8.39
N GLU B 175 -8.87 18.88 -8.15
CA GLU B 175 -9.48 18.92 -6.83
C GLU B 175 -9.47 17.54 -6.18
N GLN B 176 -9.26 16.50 -6.98
CA GLN B 176 -9.26 15.13 -6.48
C GLN B 176 -7.86 14.66 -6.14
N GLN B 177 -6.88 15.52 -6.38
CA GLN B 177 -5.46 15.21 -6.16
C GLN B 177 -4.94 15.68 -4.79
N TRP B 178 -4.32 14.76 -4.05
CA TRP B 178 -3.86 15.03 -2.69
C TRP B 178 -2.38 14.71 -2.55
N ALA B 179 -1.72 15.43 -1.65
CA ALA B 179 -0.35 15.18 -1.29
C ALA B 179 -0.30 14.72 0.17
N VAL B 180 0.13 13.49 0.39
CA VAL B 180 0.33 13.01 1.76
C VAL B 180 1.80 13.28 2.15
N TYR B 181 1.98 13.97 3.27
CA TYR B 181 3.30 14.46 3.71
C TYR B 181 3.90 13.52 4.74
N PRO B 182 5.25 13.38 4.73
CA PRO B 182 5.99 12.53 5.68
C PRO B 182 5.47 12.60 7.12
N ASP B 183 4.87 13.72 7.49
CA ASP B 183 4.34 13.85 8.82
C ASP B 183 2.96 13.25 8.97
N GLY B 184 2.38 12.74 7.90
CA GLY B 184 1.07 12.11 7.99
C GLY B 184 -0.11 13.01 7.68
N SER B 185 0.17 14.29 7.44
CA SER B 185 -0.87 15.18 6.99
C SER B 185 -1.27 14.84 5.56
N ILE B 186 -2.54 15.10 5.25
CA ILE B 186 -3.09 15.03 3.89
C ILE B 186 -3.47 16.43 3.43
N ARG B 187 -2.99 16.80 2.26
CA ARG B 187 -3.05 18.18 1.85
C ARG B 187 -3.47 18.29 0.41
N PRO B 188 -4.40 19.22 0.12
CA PRO B 188 -4.85 19.33 -1.26
C PRO B 188 -3.78 20.03 -2.08
N VAL B 189 -3.39 19.41 -3.18
CA VAL B 189 -2.24 19.86 -4.00
C VAL B 189 -2.46 21.29 -4.50
N GLN B 190 -3.67 21.79 -4.26
CA GLN B 190 -4.07 23.15 -4.58
C GLN B 190 -3.52 24.14 -3.55
N ASN B 191 -3.95 23.97 -2.30
CA ASN B 191 -3.46 24.75 -1.18
C ASN B 191 -2.84 23.78 -0.18
N THR B 192 -1.53 23.56 -0.34
CA THR B 192 -0.76 22.62 0.49
C THR B 192 -0.57 23.16 1.91
N ASN B 193 -1.18 24.31 2.17
CA ASN B 193 -1.18 24.89 3.51
C ASN B 193 -2.41 24.49 4.30
N ASN B 194 -3.29 23.74 3.65
CA ASN B 194 -4.40 23.11 4.35
C ASN B 194 -4.05 21.68 4.71
N CYS B 195 -4.68 21.16 5.75
CA CYS B 195 -4.63 19.73 6.09
C CYS B 195 -6.01 19.25 6.44
N LEU B 196 -6.30 18.00 6.11
CA LEU B 196 -7.54 17.39 6.52
C LEU B 196 -7.47 17.20 8.01
N THR B 197 -8.55 17.58 8.69
CA THR B 197 -8.58 17.81 10.12
C THR B 197 -9.93 17.38 10.68
N CYS B 198 -10.00 17.07 11.96
CA CYS B 198 -11.30 16.78 12.58
C CYS B 198 -11.92 18.01 13.18
N GLU B 199 -13.16 18.29 12.80
CA GLU B 199 -13.90 19.41 13.36
C GLU B 199 -13.53 19.53 14.83
N GLU B 200 -13.69 18.40 15.51
CA GLU B 200 -13.20 18.20 16.86
C GLU B 200 -12.85 16.71 17.02
N HIS B 201 -12.30 16.39 18.20
CA HIS B 201 -12.03 15.02 18.61
C HIS B 201 -13.33 14.36 19.17
N LYS B 202 -14.28 14.10 18.27
CA LYS B 202 -15.58 13.56 18.65
C LYS B 202 -15.96 12.37 17.76
N GLN B 203 -16.81 11.50 18.29
CA GLN B 203 -17.34 10.33 17.58
C GLN B 203 -18.08 10.74 16.30
N GLY B 204 -18.30 12.04 16.13
CA GLY B 204 -19.19 12.56 15.08
C GLY B 204 -18.56 13.41 13.99
N ALA B 205 -17.70 14.36 14.33
CA ALA B 205 -17.02 15.22 13.35
C ALA B 205 -16.71 14.27 12.23
N THR B 206 -17.05 14.52 10.95
CA THR B 206 -17.16 15.80 10.19
C THR B 206 -15.79 16.41 9.96
N ILE B 207 -15.05 15.80 9.04
CA ILE B 207 -13.70 16.23 8.69
C ILE B 207 -13.70 17.46 7.79
N VAL B 208 -12.95 18.46 8.21
CA VAL B 208 -12.94 19.75 7.57
C VAL B 208 -11.53 19.93 7.05
N MET B 209 -11.23 21.08 6.49
CA MET B 209 -9.87 21.36 6.13
C MET B 209 -9.44 22.52 6.98
N MET B 210 -8.25 22.41 7.57
CA MET B 210 -7.77 23.50 8.40
C MET B 210 -6.29 23.80 8.20
N GLY B 211 -5.81 24.74 9.01
CA GLY B 211 -4.41 25.15 8.95
C GLY B 211 -3.44 24.16 9.57
N CYS B 212 -2.44 23.77 8.78
CA CYS B 212 -1.35 22.92 9.25
C CYS B 212 -0.36 23.76 10.05
N SER B 213 -0.63 25.06 10.12
CA SER B 213 0.10 25.90 11.04
C SER B 213 0.13 25.20 12.40
N ASN B 214 -0.94 24.48 12.70
CA ASN B 214 -1.13 23.91 14.03
C ASN B 214 -0.42 22.61 14.26
N ALA B 215 -0.38 21.77 13.23
CA ALA B 215 0.30 20.48 13.30
C ALA B 215 -0.20 19.67 14.49
N TRP B 216 -1.53 19.55 14.60
CA TRP B 216 -2.16 18.78 15.68
C TRP B 216 -2.24 17.30 15.43
N ALA B 217 -2.65 16.63 16.51
CA ALA B 217 -2.99 15.22 16.53
C ALA B 217 -4.13 14.92 15.56
N SER B 218 -5.04 15.88 15.40
CA SER B 218 -6.22 15.71 14.57
C SER B 218 -5.98 16.04 13.10
N GLN B 219 -4.72 15.96 12.68
CA GLN B 219 -4.37 16.24 11.28
C GLN B 219 -3.44 15.18 10.72
N ARG B 220 -3.04 14.24 11.58
CA ARG B 220 -2.12 13.13 11.27
C ARG B 220 -2.86 11.82 11.06
N TRP B 221 -2.83 11.35 9.82
CA TRP B 221 -3.59 10.19 9.39
C TRP B 221 -2.73 9.00 9.02
N VAL B 222 -3.23 7.82 9.29
CA VAL B 222 -2.58 6.63 8.87
C VAL B 222 -3.34 5.88 7.77
N PHE B 223 -2.64 5.58 6.67
CA PHE B 223 -3.16 4.71 5.61
C PHE B 223 -2.94 3.25 5.97
N LYS B 224 -3.87 2.75 6.78
CA LYS B 224 -3.62 1.51 7.50
C LYS B 224 -3.96 0.36 6.59
N SER B 225 -3.29 -0.77 6.80
CA SER B 225 -3.37 -1.86 5.83
C SER B 225 -4.58 -2.77 5.97
N ASP B 226 -5.61 -2.32 6.69
CA ASP B 226 -6.89 -3.03 6.74
C ASP B 226 -7.80 -2.36 5.73
N GLY B 227 -7.28 -1.24 5.21
CA GLY B 227 -7.95 -0.47 4.18
C GLY B 227 -8.71 0.72 4.73
N THR B 228 -8.38 1.13 5.94
CA THR B 228 -9.05 2.28 6.52
C THR B 228 -8.09 3.46 6.56
N ILE B 229 -8.65 4.66 6.66
CA ILE B 229 -7.80 5.83 6.92
C ILE B 229 -7.97 6.17 8.38
N TYR B 230 -6.93 5.90 9.16
CA TYR B 230 -7.01 5.80 10.62
C TYR B 230 -6.33 6.93 11.34
N ASN B 231 -6.84 7.29 12.51
CA ASN B 231 -6.19 8.32 13.31
C ASN B 231 -5.86 7.86 14.71
N LEU B 232 -4.55 7.74 14.93
CA LEU B 232 -4.00 7.08 16.10
C LEU B 232 -4.19 7.83 17.40
N TYR B 233 -4.69 9.06 17.36
CA TYR B 233 -4.94 9.74 18.62
C TYR B 233 -6.39 9.53 19.05
N ASP B 234 -7.26 9.49 18.05
CA ASP B 234 -8.71 9.32 18.24
C ASP B 234 -9.09 7.84 18.21
N ASP B 235 -8.24 7.03 17.58
CA ASP B 235 -8.47 5.58 17.47
C ASP B 235 -9.74 5.37 16.65
N MET B 236 -9.98 6.34 15.76
CA MET B 236 -11.16 6.33 14.91
C MET B 236 -10.74 6.51 13.45
N VAL B 237 -11.62 6.14 12.53
CA VAL B 237 -11.28 6.18 11.11
C VAL B 237 -12.18 7.12 10.31
N MET B 238 -11.90 7.25 9.02
CA MET B 238 -12.66 8.12 8.17
C MET B 238 -13.76 7.31 7.52
N ASP B 239 -14.98 7.85 7.59
CA ASP B 239 -16.20 7.10 7.35
C ASP B 239 -17.11 8.06 6.59
N VAL B 240 -17.96 7.51 5.73
CA VAL B 240 -18.87 8.30 4.87
C VAL B 240 -20.35 8.38 5.35
N LYS B 241 -20.59 9.34 6.26
CA LYS B 241 -21.85 9.45 7.06
C LYS B 241 -22.74 8.22 7.21
N SER B 242 -23.88 8.17 6.51
CA SER B 242 -24.73 6.99 6.66
C SER B 242 -24.60 6.06 5.47
N SER B 243 -23.38 5.95 4.95
CA SER B 243 -23.12 5.33 3.64
C SER B 243 -23.96 5.99 2.52
N ASP B 244 -24.42 7.21 2.81
CA ASP B 244 -25.11 8.06 1.84
C ASP B 244 -24.16 9.23 1.51
N PRO B 245 -23.75 9.34 0.24
CA PRO B 245 -22.78 10.36 -0.17
C PRO B 245 -23.39 11.65 -0.67
N SER B 246 -24.72 11.72 -0.79
CA SER B 246 -25.38 12.92 -1.28
C SER B 246 -25.18 14.07 -0.30
N LEU B 247 -24.85 13.69 0.92
CA LEU B 247 -24.71 14.57 2.07
C LEU B 247 -23.51 15.51 2.04
N LYS B 248 -22.49 15.14 1.27
CA LYS B 248 -21.22 15.86 1.23
C LYS B 248 -20.62 15.92 2.66
N GLN B 249 -20.64 14.78 3.34
CA GLN B 249 -20.03 14.68 4.68
C GLN B 249 -19.26 13.37 4.92
N ILE B 250 -18.03 13.54 5.38
CA ILE B 250 -17.21 12.42 5.83
C ILE B 250 -16.86 12.63 7.30
N ILE B 251 -17.01 11.58 8.09
CA ILE B 251 -16.98 11.74 9.52
C ILE B 251 -16.04 10.76 10.21
N LEU B 252 -15.37 11.25 11.24
CA LEU B 252 -14.60 10.41 12.13
C LEU B 252 -15.56 9.49 12.87
N TRP B 253 -15.27 8.19 12.87
CA TRP B 253 -16.15 7.20 13.47
C TRP B 253 -15.34 5.95 13.81
N PRO B 254 -15.79 5.15 14.80
CA PRO B 254 -15.09 3.90 15.10
C PRO B 254 -15.19 2.88 13.96
N TYR B 255 -14.18 2.01 13.89
CA TYR B 255 -14.07 0.94 12.89
C TYR B 255 -15.25 -0.03 12.90
N THR B 256 -15.94 -0.14 11.76
CA THR B 256 -16.87 -1.26 11.51
C THR B 256 -16.30 -2.23 10.47
N GLY B 257 -15.68 -1.69 9.43
CA GLY B 257 -15.07 -2.49 8.36
C GLY B 257 -15.96 -2.57 7.13
N ASN B 258 -17.15 -1.97 7.22
CA ASN B 258 -18.10 -1.90 6.11
C ASN B 258 -17.56 -1.06 4.96
N ALA B 259 -18.06 -1.35 3.77
CA ALA B 259 -17.60 -0.71 2.55
C ALA B 259 -17.39 0.80 2.68
N ASN B 260 -18.14 1.42 3.59
CA ASN B 260 -18.17 2.88 3.70
C ASN B 260 -16.94 3.43 4.38
N GLN B 261 -16.22 2.56 5.06
CA GLN B 261 -15.06 2.98 5.84
C GLN B 261 -13.75 2.76 5.10
N MET B 262 -13.84 2.00 3.98
CA MET B 262 -12.70 1.54 3.18
C MET B 262 -12.26 2.54 2.13
N TRP B 263 -10.96 2.63 1.90
CA TRP B 263 -10.38 3.61 0.98
C TRP B 263 -9.20 3.05 0.16
N ALA B 264 -8.93 3.68 -0.99
CA ALA B 264 -7.87 3.24 -1.90
C ALA B 264 -7.01 4.40 -2.32
N THR B 265 -5.70 4.22 -2.21
CA THR B 265 -4.76 5.17 -2.83
C THR B 265 -4.61 4.87 -4.32
N LEU B 266 -5.20 5.73 -5.13
CA LEU B 266 -5.09 5.59 -6.54
C LEU B 266 -4.04 6.56 -7.07
N PHE B 267 -2.77 6.18 -6.89
CA PHE B 267 -1.64 7.02 -7.29
C PHE B 267 -1.31 6.92 -8.77
C1 NAG C . 18.45 2.71 -5.05
C2 NAG C . 18.78 3.43 -6.36
C3 NAG C . 19.16 4.88 -6.02
C4 NAG C . 18.17 5.57 -5.04
C5 NAG C . 17.86 4.64 -3.87
C6 NAG C . 16.81 5.30 -3.00
C7 NAG C . 20.09 2.61 -8.43
C8 NAG C . 21.50 2.95 -8.96
N2 NAG C . 19.87 2.73 -7.08
O1 NAG C . 18.03 1.39 -5.34
O3 NAG C . 19.30 5.59 -7.26
O4 NAG C . 18.51 6.84 -4.48
O5 NAG C . 17.40 3.38 -4.36
O6 NAG C . 16.09 6.17 -3.83
O7 NAG C . 19.22 2.20 -9.25
C1 NAG D . 4.04 -2.09 21.60
C2 NAG D . 2.59 -2.62 21.81
C3 NAG D . 1.67 -2.27 20.64
C4 NAG D . 1.98 -0.77 20.37
C5 NAG D . 3.24 -0.89 19.49
C6 NAG D . 3.60 0.19 18.40
C7 NAG D . 1.77 -4.64 23.05
C8 NAG D . 1.15 -5.99 22.69
N2 NAG D . 2.56 -4.06 22.12
O1 NAG D . 4.40 -1.35 22.76
O3 NAG D . 0.32 -2.67 20.86
O4 NAG D . 0.96 0.09 19.86
O5 NAG D . 4.31 -1.30 20.40
O6 NAG D . 2.77 1.34 18.21
O7 NAG D . 1.51 -4.16 24.17
C1 NAG E . 22.46 7.08 -0.38
C2 NAG E . 23.61 6.29 0.31
C3 NAG E . 23.25 4.81 0.10
C4 NAG E . 21.86 4.57 0.76
C5 NAG E . 20.79 5.44 0.08
C6 NAG E . 19.40 5.12 0.64
C7 NAG E . 26.17 6.33 0.45
C8 NAG E . 27.03 5.26 -0.22
N2 NAG E . 24.97 6.65 -0.15
O1 NAG E . 22.72 8.46 -0.43
O3 NAG E . 24.28 3.90 0.49
O4 NAG E . 21.44 3.22 0.78
O5 NAG E . 21.17 6.81 0.21
O6 NAG E . 19.02 3.78 0.36
O7 NAG E . 26.58 6.88 1.51
#